data_5ZHW
#
_entry.id   5ZHW
#
_cell.length_a   85.861
_cell.length_b   40.578
_cell.length_c   115.449
_cell.angle_alpha   90.00
_cell.angle_beta   108.62
_cell.angle_gamma   90.00
#
_symmetry.space_group_name_H-M   'C 1 2 1'
#
loop_
_entity.id
_entity.type
_entity.pdbx_description
1 polymer 'D-alanyl-D-alanine carboxypeptidase'
2 non-polymer 'COPPER (II) ION'
3 non-polymer D-ALANINE
4 non-polymer GLYCEROL
5 non-polymer 'TETRAETHYLENE GLYCOL'
6 water water
#
_entity_poly.entity_id   1
_entity_poly.type   'polypeptide(L)'
_entity_poly.pdbx_seq_one_letter_code
;(MSE)ASTQLPPIPATHTGSGTGVAENPEENTLATAKEQGDEQEWSLILVNRQNPIPAQYDVELEQLSNGERIDIRISPY
LQDLFDAARADGVYPIVASGYRTTEKQQEI(MSE)DEKVAEYKAKGYTSAQAKAEAETWVAVPGTSEHQLGLAVDINADG
IHSTGNEVYRWLDENSYRFGFIRRYPPDKTEITGVSNEPWHYRYVGIEAATKIYHQGLCLEEYLNTEKLEHHHHHH
;
_entity_poly.pdbx_strand_id   A,B
#
loop_
_chem_comp.id
_chem_comp.type
_chem_comp.name
_chem_comp.formula
CU non-polymer 'COPPER (II) ION' 'Cu 2'
GOL non-polymer GLYCEROL 'C3 H8 O3'
PG4 non-polymer 'TETRAETHYLENE GLYCOL' 'C8 H18 O5'
#
# COMPACT_ATOMS: atom_id res chain seq x y z
N GLU A 40 21.81 -10.77 18.55
CA GLU A 40 22.40 -11.24 17.25
C GLU A 40 21.30 -11.21 16.19
N TRP A 41 20.22 -11.96 16.41
CA TRP A 41 19.11 -12.08 15.44
C TRP A 41 18.62 -10.70 14.92
N SER A 42 18.50 -9.71 15.80
CA SER A 42 17.90 -8.44 15.45
C SER A 42 18.91 -7.46 14.88
N LEU A 43 20.16 -7.90 14.69
CA LEU A 43 21.24 -7.10 14.15
C LEU A 43 21.62 -7.55 12.76
N ILE A 44 20.83 -8.46 12.20
CA ILE A 44 21.03 -8.86 10.81
C ILE A 44 21.10 -7.64 9.87
N LEU A 45 22.15 -7.63 9.04
CA LEU A 45 22.42 -6.57 8.11
C LEU A 45 21.85 -6.99 6.74
N VAL A 46 20.97 -6.15 6.19
CA VAL A 46 20.41 -6.35 4.87
C VAL A 46 20.54 -5.02 4.14
N ASN A 47 21.27 -5.05 3.03
CA ASN A 47 21.42 -3.89 2.17
C ASN A 47 21.83 -4.44 0.79
N ARG A 48 22.27 -3.57 -0.11
CA ARG A 48 22.67 -4.00 -1.46
C ARG A 48 23.83 -5.03 -1.50
N GLN A 49 24.70 -5.06 -0.47
CA GLN A 49 25.83 -6.02 -0.37
C GLN A 49 25.54 -7.21 0.57
N ASN A 50 24.34 -7.25 1.15
CA ASN A 50 23.98 -8.27 2.11
C ASN A 50 22.52 -8.70 1.88
N PRO A 51 22.30 -9.56 0.88
CA PRO A 51 20.92 -9.98 0.64
C PRO A 51 20.31 -10.80 1.77
N ILE A 52 19.00 -10.94 1.74
CA ILE A 52 18.31 -11.79 2.69
C ILE A 52 18.80 -13.21 2.48
N PRO A 53 19.16 -13.92 3.56
CA PRO A 53 19.58 -15.31 3.41
C PRO A 53 18.50 -16.17 2.76
N ALA A 54 18.95 -17.20 2.05
CA ALA A 54 18.13 -18.01 1.14
C ALA A 54 16.87 -18.61 1.75
N GLN A 55 16.99 -19.20 2.93
CA GLN A 55 15.84 -19.83 3.59
C GLN A 55 15.55 -19.09 4.89
N TYR A 56 15.36 -17.77 4.77
CA TYR A 56 15.09 -16.92 5.94
C TYR A 56 13.64 -17.16 6.32
N ASP A 57 13.44 -17.71 7.51
CA ASP A 57 12.11 -17.95 8.07
C ASP A 57 11.70 -16.70 8.82
N VAL A 58 10.44 -16.30 8.67
CA VAL A 58 9.89 -15.26 9.53
C VAL A 58 8.42 -15.54 9.80
N GLU A 59 8.03 -15.47 11.07
CA GLU A 59 6.65 -15.57 11.50
C GLU A 59 6.07 -14.17 11.62
N LEU A 60 4.95 -13.95 10.92
CA LEU A 60 4.36 -12.63 10.77
C LEU A 60 3.12 -12.48 11.60
N GLU A 61 3.00 -11.32 12.22
CA GLU A 61 1.79 -10.88 12.92
C GLU A 61 1.07 -9.84 12.04
N GLN A 62 -0.24 -9.98 11.89
CA GLN A 62 -1.07 -9.01 11.18
C GLN A 62 -1.57 -7.88 12.09
N LEU A 63 -1.29 -6.64 11.70
CA LEU A 63 -1.79 -5.45 12.40
C LEU A 63 -3.23 -5.20 11.97
N SER A 64 -3.94 -4.31 12.66
CA SER A 64 -5.35 -4.04 12.34
C SER A 64 -5.58 -3.48 10.91
N ASN A 65 -4.58 -2.81 10.34
CA ASN A 65 -4.63 -2.31 8.96
C ASN A 65 -4.23 -3.34 7.88
N GLY A 66 -3.97 -4.58 8.29
CA GLY A 66 -3.57 -5.64 7.37
C GLY A 66 -2.08 -5.73 7.05
N GLU A 67 -1.28 -4.74 7.44
CA GLU A 67 0.17 -4.82 7.28
C GLU A 67 0.70 -5.89 8.25
N ARG A 68 1.82 -6.49 7.91
CA ARG A 68 2.41 -7.54 8.73
C ARG A 68 3.81 -7.16 9.19
N ILE A 69 4.19 -7.72 10.34
CA ILE A 69 5.49 -7.51 10.92
C ILE A 69 5.96 -8.81 11.54
N ASP A 70 7.27 -8.91 11.73
CA ASP A 70 7.88 -10.02 12.47
C ASP A 70 7.24 -10.03 13.87
N ILE A 71 6.70 -11.17 14.29
CA ILE A 71 6.03 -11.28 15.60
C ILE A 71 6.93 -10.90 16.78
N ARG A 72 8.25 -11.03 16.61
CA ARG A 72 9.22 -10.64 17.65
C ARG A 72 9.26 -9.15 17.96
N ILE A 73 8.93 -8.29 16.98
CA ILE A 73 8.94 -6.83 17.20
C ILE A 73 7.59 -6.25 17.65
N SER A 74 6.53 -7.07 17.61
CA SER A 74 5.17 -6.64 17.89
C SER A 74 4.95 -5.84 19.18
N PRO A 75 5.32 -6.38 20.35
CA PRO A 75 5.11 -5.60 21.59
C PRO A 75 5.96 -4.33 21.66
N TYR A 76 7.12 -4.34 21.02
CA TYR A 76 7.92 -3.14 20.94
C TYR A 76 7.27 -2.07 20.05
N LEU A 77 6.70 -2.46 18.91
CA LEU A 77 6.00 -1.52 18.04
C LEU A 77 4.72 -1.03 18.73
N GLN A 78 4.00 -1.94 19.37
CA GLN A 78 2.84 -1.56 20.16
C GLN A 78 3.17 -0.51 21.23
N ASP A 79 4.26 -0.72 21.96
CA ASP A 79 4.68 0.26 22.98
C ASP A 79 5.09 1.59 22.41
N LEU A 80 5.76 1.54 21.27
CA LEU A 80 6.16 2.76 20.57
C LEU A 80 4.95 3.60 20.20
N PHE A 81 3.94 2.95 19.63
CA PHE A 81 2.69 3.61 19.20
C PHE A 81 1.89 4.16 20.38
N ASP A 82 1.77 3.38 21.45
CA ASP A 82 1.16 3.82 22.70
C ASP A 82 1.83 5.09 23.21
N ALA A 83 3.16 5.09 23.21
CA ALA A 83 3.92 6.24 23.73
C ALA A 83 3.77 7.49 22.88
N ALA A 84 3.76 7.32 21.57
CA ALA A 84 3.53 8.44 20.68
C ALA A 84 2.14 9.05 20.95
N ARG A 85 1.12 8.20 21.04
CA ARG A 85 -0.23 8.65 21.28
C ARG A 85 -0.40 9.30 22.64
N ALA A 86 0.27 8.79 23.68
CA ALA A 86 0.30 9.49 24.98
C ALA A 86 0.87 10.91 24.86
N ASP A 87 1.71 11.15 23.84
CA ASP A 87 2.26 12.48 23.55
C ASP A 87 1.46 13.28 22.51
N GLY A 88 0.24 12.84 22.16
CA GLY A 88 -0.55 13.49 21.10
C GLY A 88 -0.02 13.30 19.68
N VAL A 89 0.80 12.28 19.45
CA VAL A 89 1.39 12.02 18.12
C VAL A 89 0.75 10.71 17.61
N TYR A 90 0.22 10.71 16.39
CA TYR A 90 -0.63 9.59 15.94
C TYR A 90 -0.06 8.98 14.67
N PRO A 91 0.75 7.92 14.82
CA PRO A 91 1.39 7.34 13.65
C PRO A 91 0.59 6.16 13.12
N ILE A 92 0.93 5.75 11.92
CA ILE A 92 0.35 4.54 11.34
C ILE A 92 1.46 3.78 10.67
N VAL A 93 1.27 2.48 10.51
CA VAL A 93 2.22 1.68 9.76
C VAL A 93 1.77 1.72 8.32
N ALA A 94 2.48 2.49 7.49
CA ALA A 94 2.15 2.56 6.09
C ALA A 94 2.58 1.29 5.34
N SER A 95 3.70 0.69 5.75
CA SER A 95 4.25 -0.51 5.11
C SER A 95 5.13 -1.29 6.07
N GLY A 96 4.84 -2.58 6.26
CA GLY A 96 5.69 -3.48 7.03
C GLY A 96 6.33 -4.53 6.11
N TYR A 97 6.01 -5.79 6.33
CA TYR A 97 6.52 -6.88 5.53
C TYR A 97 6.09 -6.75 4.09
N ARG A 98 6.99 -7.07 3.16
CA ARG A 98 6.72 -7.13 1.74
C ARG A 98 7.28 -8.41 1.19
N THR A 99 6.52 -9.03 0.31
CA THR A 99 6.99 -10.17 -0.45
C THR A 99 7.95 -9.67 -1.52
N THR A 100 8.60 -10.61 -2.18
CA THR A 100 9.52 -10.33 -3.27
C THR A 100 8.82 -9.54 -4.35
N GLU A 101 7.71 -10.09 -4.83
CA GLU A 101 6.91 -9.43 -5.86
C GLU A 101 6.43 -8.02 -5.45
N LYS A 102 6.04 -7.83 -4.19
CA LYS A 102 5.64 -6.48 -3.74
C LYS A 102 6.81 -5.49 -3.84
N GLN A 103 8.00 -5.94 -3.45
CA GLN A 103 9.20 -5.10 -3.50
C GLN A 103 9.53 -4.70 -4.93
N GLN A 104 9.43 -5.67 -5.84
CA GLN A 104 9.62 -5.45 -7.25
C GLN A 104 8.67 -4.36 -7.78
N GLU A 105 7.41 -4.47 -7.44
CA GLU A 105 6.43 -3.53 -7.86
C GLU A 105 6.67 -2.14 -7.31
N ILE A 106 7.05 -2.05 -6.06
CA ILE A 106 7.32 -0.76 -5.46
C ILE A 106 8.48 -0.12 -6.18
N MSE A 107 9.50 -0.93 -6.48
CA MSE A 107 10.67 -0.47 -7.21
C MSE A 107 10.35 -0.05 -8.62
O MSE A 107 10.89 0.97 -9.09
CB MSE A 107 11.70 -1.59 -7.24
CG MSE A 107 12.94 -1.16 -8.00
SE MSE A 107 14.24 -2.65 -8.04
CE MSE A 107 15.66 -1.75 -9.06
N ASP A 108 9.49 -0.80 -9.31
CA ASP A 108 9.14 -0.51 -10.67
C ASP A 108 8.39 0.80 -10.71
N GLU A 109 7.56 1.04 -9.74
CA GLU A 109 6.82 2.26 -9.66
C GLU A 109 7.75 3.43 -9.46
N LYS A 110 8.77 3.29 -8.64
CA LYS A 110 9.78 4.34 -8.45
C LYS A 110 10.57 4.58 -9.74
N VAL A 111 10.91 3.52 -10.46
CA VAL A 111 11.55 3.63 -11.79
C VAL A 111 10.68 4.45 -12.77
N ALA A 112 9.39 4.12 -12.85
CA ALA A 112 8.44 4.86 -13.68
C ALA A 112 8.40 6.34 -13.34
N GLU A 113 8.47 6.67 -12.05
CA GLU A 113 8.46 8.08 -11.62
C GLU A 113 9.65 8.85 -12.18
N TYR A 114 10.84 8.26 -12.08
CA TYR A 114 12.04 8.87 -12.65
C TYR A 114 11.99 8.94 -14.18
N LYS A 115 11.48 7.89 -14.85
CA LYS A 115 11.28 7.96 -16.31
C LYS A 115 10.41 9.16 -16.74
N ALA A 116 9.35 9.44 -15.97
CA ALA A 116 8.43 10.54 -16.26
C ALA A 116 9.07 11.92 -16.03
N LYS A 117 10.16 11.98 -15.26
CA LYS A 117 10.89 13.23 -15.01
C LYS A 117 12.13 13.39 -15.88
N GLY A 118 12.30 12.53 -16.90
CA GLY A 118 13.33 12.69 -17.91
C GLY A 118 14.61 11.90 -17.71
N TYR A 119 14.46 10.70 -17.17
CA TYR A 119 15.54 9.75 -17.05
C TYR A 119 15.30 8.64 -18.04
N THR A 120 16.37 8.16 -18.68
CA THR A 120 16.28 6.92 -19.43
C THR A 120 16.03 5.75 -18.45
N SER A 121 15.67 4.60 -19.01
CA SER A 121 15.39 3.40 -18.24
C SER A 121 16.56 3.03 -17.34
N ALA A 122 17.78 3.05 -17.88
CA ALA A 122 18.99 2.73 -17.11
C ALA A 122 19.23 3.72 -15.97
N GLN A 123 19.21 5.00 -16.31
CA GLN A 123 19.34 6.08 -15.34
C GLN A 123 18.30 5.98 -14.22
N ALA A 124 17.05 5.70 -14.60
CA ALA A 124 15.93 5.63 -13.65
C ALA A 124 16.14 4.50 -12.64
N LYS A 125 16.56 3.35 -13.14
CA LYS A 125 16.84 2.17 -12.33
C LYS A 125 17.90 2.44 -11.26
N ALA A 126 18.99 3.06 -11.66
CA ALA A 126 20.04 3.44 -10.72
C ALA A 126 19.53 4.47 -9.70
N GLU A 127 18.83 5.51 -10.16
CA GLU A 127 18.32 6.52 -9.21
C GLU A 127 17.24 5.98 -8.26
N ALA A 128 16.40 5.08 -8.75
CA ALA A 128 15.36 4.46 -7.92
C ALA A 128 15.95 3.65 -6.76
N GLU A 129 17.09 3.00 -7.01
CA GLU A 129 17.79 2.23 -5.98
C GLU A 129 18.19 3.05 -4.75
N THR A 130 18.39 4.35 -4.92
CA THR A 130 18.66 5.21 -3.77
C THR A 130 17.44 5.38 -2.84
N TRP A 131 16.25 4.98 -3.30
CA TRP A 131 15.00 5.07 -2.51
C TRP A 131 14.36 3.72 -2.22
N VAL A 132 14.41 2.81 -3.18
CA VAL A 132 13.77 1.50 -3.05
C VAL A 132 14.80 0.44 -3.39
N ALA A 133 15.01 -0.50 -2.46
CA ALA A 133 16.00 -1.56 -2.64
C ALA A 133 15.54 -2.58 -3.65
N VAL A 134 16.48 -3.22 -4.36
CA VAL A 134 16.11 -4.28 -5.30
C VAL A 134 15.60 -5.44 -4.45
N PRO A 135 14.64 -6.22 -4.97
CA PRO A 135 14.11 -7.38 -4.23
C PRO A 135 15.22 -8.28 -3.74
N GLY A 136 15.13 -8.69 -2.48
CA GLY A 136 16.16 -9.52 -1.85
C GLY A 136 17.04 -8.71 -0.96
N THR A 137 16.98 -7.38 -1.07
CA THR A 137 17.84 -6.49 -0.29
C THR A 137 17.09 -5.44 0.49
N SER A 138 15.75 -5.56 0.61
CA SER A 138 14.99 -4.66 1.45
C SER A 138 14.87 -5.22 2.85
N GLU A 139 15.04 -4.35 3.83
CA GLU A 139 14.67 -4.69 5.20
C GLU A 139 13.19 -4.99 5.33
N HIS A 140 12.35 -4.48 4.44
CA HIS A 140 10.93 -4.81 4.53
C HIS A 140 10.64 -6.30 4.35
N GLN A 141 11.51 -6.99 3.63
CA GLN A 141 11.35 -8.42 3.40
C GLN A 141 11.75 -9.25 4.63
N LEU A 142 12.34 -8.63 5.64
CA LEU A 142 12.57 -9.30 6.92
C LEU A 142 11.38 -9.27 7.88
N GLY A 143 10.48 -8.31 7.71
CA GLY A 143 9.48 -8.03 8.71
C GLY A 143 10.05 -7.25 9.90
N LEU A 144 11.28 -6.73 9.78
CA LEU A 144 11.92 -5.98 10.84
C LEU A 144 11.81 -4.48 10.63
N ALA A 145 11.31 -4.05 9.49
CA ALA A 145 11.23 -2.62 9.15
C ALA A 145 9.77 -2.20 8.96
N VAL A 146 9.46 -1.01 9.44
CA VAL A 146 8.16 -0.38 9.19
C VAL A 146 8.38 1.02 8.66
N ASP A 147 7.56 1.40 7.66
CA ASP A 147 7.45 2.77 7.24
C ASP A 147 6.29 3.35 8.01
N ILE A 148 6.60 4.39 8.79
CA ILE A 148 5.66 4.99 9.70
C ILE A 148 5.33 6.36 9.12
N ASN A 149 4.03 6.63 8.97
CA ASN A 149 3.50 7.92 8.52
C ASN A 149 2.60 8.47 9.62
N ALA A 150 2.15 9.71 9.45
CA ALA A 150 1.13 10.31 10.32
C ALA A 150 -0.25 9.88 9.89
N ASP A 151 -1.20 9.85 10.83
CA ASP A 151 -2.58 9.52 10.49
C ASP A 151 -3.30 10.59 9.62
N GLY A 152 -2.76 11.82 9.58
CA GLY A 152 -3.28 12.88 8.74
C GLY A 152 -4.21 13.81 9.52
N ILE A 153 -5.13 13.19 10.26
CA ILE A 153 -6.16 13.89 11.00
C ILE A 153 -5.56 14.64 12.19
N HIS A 154 -4.87 13.91 13.07
CA HIS A 154 -4.34 14.46 14.33
C HIS A 154 -2.91 14.96 14.26
N SER A 155 -2.10 14.41 13.36
CA SER A 155 -0.69 14.77 13.30
C SER A 155 -0.26 14.93 11.87
N THR A 156 0.69 15.82 11.64
CA THR A 156 1.35 15.96 10.35
C THR A 156 2.54 14.99 10.30
N GLY A 157 3.03 14.73 9.08
CA GLY A 157 4.19 13.87 8.86
C GLY A 157 5.37 14.33 9.71
N ASN A 158 5.66 15.62 9.65
CA ASN A 158 6.84 16.17 10.31
C ASN A 158 6.79 16.04 11.82
N GLU A 159 5.60 16.09 12.41
CA GLU A 159 5.43 15.85 13.85
C GLU A 159 5.72 14.40 14.22
N VAL A 160 5.29 13.47 13.36
CA VAL A 160 5.59 12.05 13.56
C VAL A 160 7.08 11.74 13.35
N TYR A 161 7.65 12.28 12.28
CA TYR A 161 9.06 12.04 11.96
C TYR A 161 9.97 12.60 13.04
N ARG A 162 9.66 13.80 13.54
CA ARG A 162 10.39 14.39 14.66
C ARG A 162 10.26 13.56 15.93
N TRP A 163 9.04 13.17 16.29
CA TRP A 163 8.84 12.38 17.49
C TRP A 163 9.65 11.06 17.41
N LEU A 164 9.58 10.38 16.26
CA LEU A 164 10.28 9.11 16.08
C LEU A 164 11.80 9.29 16.21
N ASP A 165 12.33 10.30 15.52
CA ASP A 165 13.75 10.60 15.57
C ASP A 165 14.19 10.70 17.01
N GLU A 166 13.40 11.37 17.84
CA GLU A 166 13.77 11.62 19.22
C GLU A 166 13.47 10.50 20.19
N ASN A 167 12.58 9.55 19.83
CA ASN A 167 12.10 8.53 20.80
C ASN A 167 12.17 7.06 20.41
N SER A 168 12.32 6.74 19.12
CA SER A 168 12.18 5.36 18.67
C SER A 168 13.15 4.40 19.31
N TYR A 169 14.37 4.89 19.59
CA TYR A 169 15.44 4.06 20.17
C TYR A 169 15.06 3.44 21.52
N ARG A 170 14.22 4.13 22.29
CA ARG A 170 13.76 3.59 23.55
C ARG A 170 12.89 2.35 23.40
N PHE A 171 12.41 2.09 22.18
CA PHE A 171 11.60 0.92 21.87
C PHE A 171 12.33 -0.04 20.94
N GLY A 172 13.62 0.19 20.69
CA GLY A 172 14.47 -0.72 19.92
C GLY A 172 14.51 -0.43 18.43
N PHE A 173 13.96 0.71 18.01
CA PHE A 173 13.91 1.09 16.62
C PHE A 173 14.87 2.24 16.33
N ILE A 174 15.49 2.18 15.16
CA ILE A 174 16.37 3.23 14.73
C ILE A 174 15.87 3.84 13.45
N ARG A 175 16.18 5.11 13.29
CA ARG A 175 16.01 5.81 12.03
C ARG A 175 17.08 5.24 11.09
N ARG A 176 16.67 4.33 10.24
CA ARG A 176 17.62 3.52 9.50
C ARG A 176 18.50 4.26 8.51
N TYR A 177 17.91 5.25 7.83
CA TYR A 177 18.56 5.94 6.72
C TYR A 177 18.58 7.45 6.99
N PRO A 178 19.47 7.88 7.90
CA PRO A 178 19.49 9.30 8.21
C PRO A 178 20.24 10.12 7.15
N PRO A 179 19.87 11.41 7.01
CA PRO A 179 20.42 12.27 5.97
C PRO A 179 21.97 12.35 5.96
N ASP A 180 22.57 12.36 7.14
CA ASP A 180 24.03 12.46 7.25
C ASP A 180 24.80 11.12 7.10
N LYS A 181 24.11 10.02 6.79
CA LYS A 181 24.78 8.72 6.56
C LYS A 181 24.55 8.13 5.17
N THR A 182 24.06 8.92 4.22
CA THR A 182 23.77 8.42 2.86
C THR A 182 25.02 7.85 2.16
N GLU A 183 26.17 8.45 2.43
CA GLU A 183 27.45 7.96 1.89
C GLU A 183 27.85 6.57 2.43
N ILE A 184 27.28 6.15 3.55
CA ILE A 184 27.51 4.81 4.12
C ILE A 184 26.36 3.84 3.76
N THR A 185 25.12 4.24 4.01
CA THR A 185 23.96 3.37 3.79
C THR A 185 23.64 3.12 2.31
N GLY A 186 24.01 4.07 1.45
CA GLY A 186 23.59 4.10 0.05
C GLY A 186 22.14 4.55 -0.18
N VAL A 187 21.44 5.03 0.85
CA VAL A 187 20.01 5.28 0.76
C VAL A 187 19.76 6.71 1.18
N SER A 188 18.82 7.36 0.48
CA SER A 188 18.44 8.74 0.73
C SER A 188 17.70 8.91 2.07
N ASN A 189 17.44 10.17 2.41
CA ASN A 189 16.77 10.53 3.64
C ASN A 189 15.35 9.98 3.55
N GLU A 190 15.06 8.98 4.39
CA GLU A 190 13.74 8.37 4.49
C GLU A 190 13.30 8.45 5.96
N PRO A 191 12.77 9.63 6.37
CA PRO A 191 12.41 9.84 7.79
C PRO A 191 11.26 8.98 8.28
N TRP A 192 10.58 8.28 7.36
CA TRP A 192 9.55 7.27 7.68
C TRP A 192 10.07 5.84 7.98
N HIS A 193 11.27 5.48 7.57
CA HIS A 193 11.72 4.08 7.63
C HIS A 193 12.48 3.77 8.93
N TYR A 194 11.84 2.95 9.77
CA TYR A 194 12.36 2.56 11.06
C TYR A 194 12.61 1.04 11.13
N ARG A 195 13.76 0.67 11.69
CA ARG A 195 14.25 -0.70 11.72
C ARG A 195 14.38 -1.14 13.16
N TYR A 196 13.82 -2.31 13.50
CA TYR A 196 14.01 -2.91 14.83
C TYR A 196 15.41 -3.56 14.93
N VAL A 197 16.19 -3.10 15.90
CA VAL A 197 17.47 -3.73 16.27
C VAL A 197 17.55 -4.15 17.76
N GLY A 198 16.59 -3.73 18.57
CA GLY A 198 16.58 -4.01 20.00
C GLY A 198 17.03 -2.80 20.76
N ILE A 199 16.60 -2.69 22.00
CA ILE A 199 16.80 -1.48 22.80
C ILE A 199 18.29 -1.18 23.05
N GLU A 200 19.08 -2.20 23.39
CA GLU A 200 20.50 -2.03 23.68
C GLU A 200 21.24 -1.43 22.49
N ALA A 201 21.08 -2.04 21.33
CA ALA A 201 21.76 -1.55 20.14
C ALA A 201 21.21 -0.20 19.67
N ALA A 202 19.89 -0.03 19.73
CA ALA A 202 19.25 1.21 19.29
C ALA A 202 19.73 2.41 20.12
N THR A 203 19.85 2.20 21.43
CA THR A 203 20.33 3.26 22.33
C THR A 203 21.79 3.67 22.06
N LYS A 204 22.66 2.69 21.82
CA LYS A 204 24.06 2.98 21.47
C LYS A 204 24.13 3.74 20.14
N ILE A 205 23.39 3.23 19.15
CA ILE A 205 23.32 3.86 17.84
C ILE A 205 22.80 5.30 17.93
N TYR A 206 21.75 5.51 18.73
CA TYR A 206 21.23 6.86 18.96
C TYR A 206 22.29 7.79 19.58
N HIS A 207 22.83 7.43 20.74
CA HIS A 207 23.75 8.32 21.47
C HIS A 207 25.07 8.63 20.73
N GLN A 208 25.63 7.65 20.02
CA GLN A 208 26.86 7.85 19.22
C GLN A 208 26.61 8.35 17.79
N GLY A 209 25.35 8.58 17.42
CA GLY A 209 24.99 9.15 16.12
C GLY A 209 25.37 8.32 14.91
N LEU A 210 25.21 7.01 15.01
CA LEU A 210 25.66 6.05 13.98
C LEU A 210 24.54 5.58 13.06
N CYS A 211 24.94 4.94 11.96
CA CYS A 211 24.03 4.10 11.17
C CYS A 211 24.36 2.65 11.50
N LEU A 212 23.48 1.74 11.08
CA LEU A 212 23.60 0.34 11.48
C LEU A 212 24.91 -0.29 10.99
N GLU A 213 25.29 -0.01 9.75
CA GLU A 213 26.55 -0.50 9.15
C GLU A 213 27.79 -0.15 10.01
N GLU A 214 27.86 1.10 10.43
CA GLU A 214 28.94 1.58 11.30
C GLU A 214 28.96 0.86 12.63
N TYR A 215 27.79 0.72 13.24
CA TYR A 215 27.67 0.00 14.51
C TYR A 215 28.16 -1.45 14.40
N LEU A 216 27.78 -2.13 13.31
CA LEU A 216 28.18 -3.55 13.14
C LEU A 216 29.67 -3.68 12.86
N ASN A 217 30.22 -2.74 12.10
CA ASN A 217 31.67 -2.66 11.87
C ASN A 217 32.43 -2.48 13.19
N THR A 218 32.01 -1.52 14.01
CA THR A 218 32.60 -1.30 15.35
C THR A 218 32.34 -2.43 16.37
N GLU A 219 31.31 -3.25 16.14
CA GLU A 219 31.11 -4.45 16.99
C GLU A 219 32.13 -5.57 16.70
N LYS A 220 32.76 -5.57 15.51
CA LYS A 220 33.84 -6.51 15.16
C LYS A 220 35.11 -5.76 14.70
N GLU B 40 -25.96 -14.11 -7.36
CA GLU B 40 -26.43 -13.08 -6.38
C GLU B 40 -25.28 -12.39 -5.63
N TRP B 41 -24.47 -13.17 -4.93
CA TRP B 41 -23.39 -12.65 -4.06
C TRP B 41 -22.45 -11.63 -4.73
N SER B 42 -22.17 -11.79 -6.02
CA SER B 42 -21.23 -10.89 -6.69
C SER B 42 -21.86 -9.53 -7.07
N LEU B 43 -23.17 -9.40 -6.93
CA LEU B 43 -23.88 -8.16 -7.29
C LEU B 43 -24.24 -7.27 -6.09
N ILE B 44 -23.75 -7.59 -4.90
CA ILE B 44 -24.02 -6.79 -3.70
C ILE B 44 -23.60 -5.34 -3.91
N LEU B 45 -24.47 -4.42 -3.51
CA LEU B 45 -24.24 -2.99 -3.68
C LEU B 45 -23.75 -2.44 -2.35
N VAL B 46 -22.69 -1.66 -2.41
CA VAL B 46 -22.10 -1.07 -1.24
C VAL B 46 -21.87 0.44 -1.46
N ASN B 47 -22.43 1.23 -0.56
CA ASN B 47 -22.34 2.70 -0.53
C ASN B 47 -22.92 3.17 0.83
N ARG B 48 -23.05 4.48 1.02
CA ARG B 48 -23.55 5.03 2.30
C ARG B 48 -24.94 4.55 2.73
N GLN B 49 -25.78 4.23 1.74
CA GLN B 49 -27.12 3.69 1.98
C GLN B 49 -27.06 2.22 2.34
N ASN B 50 -26.05 1.54 1.80
CA ASN B 50 -25.88 0.09 1.97
C ASN B 50 -24.47 -0.20 2.44
N PRO B 51 -24.24 -0.04 3.76
CA PRO B 51 -22.95 -0.41 4.30
C PRO B 51 -22.79 -1.92 4.32
N ILE B 52 -21.55 -2.36 4.44
CA ILE B 52 -21.27 -3.77 4.37
C ILE B 52 -22.00 -4.45 5.54
N PRO B 53 -22.75 -5.53 5.26
CA PRO B 53 -23.41 -6.19 6.39
C PRO B 53 -22.44 -6.57 7.51
N ALA B 54 -22.95 -6.55 8.74
CA ALA B 54 -22.16 -6.94 9.92
C ALA B 54 -21.68 -8.38 9.75
N GLN B 55 -22.63 -9.23 9.37
CA GLN B 55 -22.34 -10.55 8.81
C GLN B 55 -21.84 -10.40 7.37
N TYR B 56 -20.51 -10.32 7.18
CA TYR B 56 -19.95 -10.50 5.82
C TYR B 56 -18.72 -11.39 5.80
N ASP B 57 -18.94 -12.59 5.26
CA ASP B 57 -17.91 -13.62 5.23
C ASP B 57 -17.15 -13.50 3.89
N VAL B 58 -15.97 -12.87 3.95
CA VAL B 58 -14.97 -12.96 2.88
C VAL B 58 -14.12 -14.19 3.16
N GLU B 59 -13.81 -14.99 2.13
CA GLU B 59 -12.72 -15.96 2.23
C GLU B 59 -11.60 -15.46 1.33
N LEU B 60 -10.52 -15.00 1.96
CA LEU B 60 -9.44 -14.32 1.29
C LEU B 60 -8.31 -15.27 0.91
N GLU B 61 -7.73 -15.00 -0.25
CA GLU B 61 -6.53 -15.63 -0.75
C GLU B 61 -5.49 -14.53 -0.88
N GLN B 62 -4.23 -14.89 -0.67
CA GLN B 62 -3.12 -13.95 -0.79
C GLN B 62 -2.54 -14.07 -2.20
N LEU B 63 -2.36 -12.97 -2.90
CA LEU B 63 -1.64 -12.94 -4.19
C LEU B 63 -0.12 -12.89 -3.94
N SER B 64 0.67 -12.99 -4.99
CA SER B 64 2.12 -13.02 -4.82
C SER B 64 2.71 -11.70 -4.30
N ASN B 65 2.05 -10.57 -4.55
CA ASN B 65 2.48 -9.27 -4.00
C ASN B 65 1.98 -9.05 -2.56
N GLY B 66 1.27 -10.03 -2.00
CA GLY B 66 0.79 -9.91 -0.63
C GLY B 66 -0.57 -9.26 -0.52
N GLU B 67 -1.14 -8.71 -1.59
CA GLU B 67 -2.52 -8.25 -1.56
C GLU B 67 -3.47 -9.45 -1.51
N ARG B 68 -4.64 -9.23 -0.93
CA ARG B 68 -5.62 -10.29 -0.81
C ARG B 68 -6.84 -10.01 -1.61
N ILE B 69 -7.49 -11.08 -2.06
CA ILE B 69 -8.77 -11.03 -2.77
C ILE B 69 -9.65 -12.16 -2.30
N ASP B 70 -10.94 -12.00 -2.52
CA ASP B 70 -11.86 -13.09 -2.31
C ASP B 70 -11.50 -14.19 -3.27
N ILE B 71 -11.34 -15.39 -2.73
CA ILE B 71 -10.94 -16.58 -3.49
C ILE B 71 -11.85 -16.84 -4.70
N ARG B 72 -13.12 -16.48 -4.58
CA ARG B 72 -14.08 -16.71 -5.64
C ARG B 72 -13.86 -15.85 -6.87
N ILE B 73 -13.19 -14.70 -6.77
CA ILE B 73 -12.82 -13.91 -7.98
C ILE B 73 -11.46 -14.29 -8.57
N SER B 74 -10.68 -15.10 -7.85
CA SER B 74 -9.30 -15.44 -8.22
C SER B 74 -9.14 -16.00 -9.64
N PRO B 75 -9.98 -16.97 -10.06
CA PRO B 75 -9.83 -17.48 -11.43
C PRO B 75 -10.07 -16.41 -12.50
N TYR B 76 -10.99 -15.50 -12.22
CA TYR B 76 -11.35 -14.42 -13.11
C TYR B 76 -10.24 -13.37 -13.22
N LEU B 77 -9.66 -13.01 -12.09
CA LEU B 77 -8.54 -12.10 -12.08
C LEU B 77 -7.33 -12.67 -12.78
N GLN B 78 -7.08 -13.95 -12.54
CA GLN B 78 -5.97 -14.66 -13.20
C GLN B 78 -6.16 -14.63 -14.73
N ASP B 79 -7.34 -14.98 -15.19
CA ASP B 79 -7.64 -14.88 -16.63
C ASP B 79 -7.49 -13.45 -17.15
N LEU B 80 -7.97 -12.46 -16.40
CA LEU B 80 -7.82 -11.04 -16.80
C LEU B 80 -6.35 -10.68 -17.05
N PHE B 81 -5.50 -10.99 -16.09
CA PHE B 81 -4.06 -10.73 -16.17
C PHE B 81 -3.35 -11.55 -17.29
N ASP B 82 -3.76 -12.80 -17.47
CA ASP B 82 -3.22 -13.65 -18.55
C ASP B 82 -3.58 -13.06 -19.91
N ALA B 83 -4.84 -12.65 -20.09
CA ALA B 83 -5.23 -11.97 -21.32
C ALA B 83 -4.49 -10.63 -21.55
N ALA B 84 -4.29 -9.84 -20.49
CA ALA B 84 -3.56 -8.60 -20.62
C ALA B 84 -2.14 -8.87 -21.10
N ARG B 85 -1.45 -9.78 -20.43
CA ARG B 85 -0.07 -10.13 -20.77
C ARG B 85 0.05 -10.68 -22.17
N ALA B 86 -0.90 -11.51 -22.57
CA ALA B 86 -1.01 -12.02 -23.94
C ALA B 86 -1.05 -10.88 -24.99
N ASP B 87 -1.69 -9.77 -24.61
CA ASP B 87 -1.70 -8.55 -25.40
C ASP B 87 -0.49 -7.61 -25.19
N GLY B 88 0.57 -8.07 -24.54
CA GLY B 88 1.71 -7.20 -24.20
C GLY B 88 1.42 -6.05 -23.22
N VAL B 89 0.39 -6.23 -22.39
CA VAL B 89 -0.02 -5.26 -21.37
C VAL B 89 0.25 -5.90 -19.98
N TYR B 90 0.91 -5.15 -19.10
CA TYR B 90 1.46 -5.67 -17.87
C TYR B 90 0.90 -4.91 -16.68
N PRO B 91 -0.22 -5.40 -16.12
CA PRO B 91 -0.81 -4.75 -14.96
C PRO B 91 -0.32 -5.34 -13.65
N ILE B 92 -0.57 -4.61 -12.57
CA ILE B 92 -0.34 -5.11 -11.21
C ILE B 92 -1.55 -4.76 -10.35
N VAL B 93 -1.73 -5.52 -9.28
CA VAL B 93 -2.74 -5.25 -8.30
C VAL B 93 -2.14 -4.35 -7.25
N ALA B 94 -2.48 -3.06 -7.31
CA ALA B 94 -1.95 -2.08 -6.34
C ALA B 94 -2.66 -2.27 -4.99
N SER B 95 -3.96 -2.58 -5.00
CA SER B 95 -4.72 -2.72 -3.78
C SER B 95 -5.87 -3.69 -4.03
N GLY B 96 -6.01 -4.71 -3.18
CA GLY B 96 -7.19 -5.57 -3.21
C GLY B 96 -8.01 -5.36 -1.95
N TYR B 97 -8.13 -6.40 -1.13
CA TYR B 97 -8.86 -6.32 0.12
C TYR B 97 -8.22 -5.30 1.07
N ARG B 98 -9.06 -4.61 1.83
CA ARG B 98 -8.61 -3.71 2.86
C ARG B 98 -9.42 -3.95 4.11
N THR B 99 -8.76 -3.97 5.26
CA THR B 99 -9.51 -3.92 6.53
C THR B 99 -10.12 -2.54 6.76
N THR B 100 -11.07 -2.50 7.70
CA THR B 100 -11.69 -1.26 8.18
C THR B 100 -10.65 -0.18 8.49
N GLU B 101 -9.64 -0.56 9.28
CA GLU B 101 -8.58 0.35 9.68
C GLU B 101 -7.73 0.81 8.49
N LYS B 102 -7.47 -0.08 7.53
CA LYS B 102 -6.74 0.33 6.34
C LYS B 102 -7.55 1.37 5.55
N GLN B 103 -8.84 1.10 5.33
CA GLN B 103 -9.72 2.08 4.65
C GLN B 103 -9.71 3.43 5.37
N GLN B 104 -9.84 3.40 6.70
CA GLN B 104 -9.76 4.60 7.52
C GLN B 104 -8.44 5.39 7.28
N GLU B 105 -7.33 4.69 7.24
CA GLU B 105 -6.03 5.33 7.06
C GLU B 105 -5.86 5.94 5.66
N ILE B 106 -6.35 5.26 4.65
CA ILE B 106 -6.30 5.76 3.31
C ILE B 106 -7.17 7.01 3.20
N MSE B 107 -8.35 6.97 3.79
CA MSE B 107 -9.21 8.12 3.77
C MSE B 107 -8.62 9.26 4.52
O MSE B 107 -8.66 10.37 4.03
CB MSE B 107 -10.57 7.85 4.33
CG MSE B 107 -11.40 9.07 3.97
SE MSE B 107 -13.18 8.78 4.61
CE MSE B 107 -12.83 8.73 6.50
N ASP B 108 -8.05 9.00 5.67
CA ASP B 108 -7.45 10.02 6.50
C ASP B 108 -6.29 10.71 5.81
N GLU B 109 -5.50 9.95 5.08
CA GLU B 109 -4.40 10.50 4.34
C GLU B 109 -4.88 11.42 3.26
N LYS B 110 -5.95 11.07 2.56
CA LYS B 110 -6.54 11.93 1.54
C LYS B 110 -7.14 13.17 2.21
N VAL B 111 -7.85 13.01 3.32
CA VAL B 111 -8.37 14.14 4.09
C VAL B 111 -7.27 15.16 4.44
N ALA B 112 -6.10 14.65 4.87
CA ALA B 112 -4.99 15.51 5.26
C ALA B 112 -4.41 16.28 4.08
N GLU B 113 -4.33 15.67 2.90
CA GLU B 113 -3.87 16.39 1.71
C GLU B 113 -4.77 17.60 1.41
N TYR B 114 -6.08 17.43 1.63
CA TYR B 114 -7.04 18.53 1.45
C TYR B 114 -6.94 19.60 2.53
N LYS B 115 -6.80 19.20 3.79
CA LYS B 115 -6.58 20.18 4.86
C LYS B 115 -5.30 20.98 4.63
N ALA B 116 -4.24 20.34 4.16
CA ALA B 116 -3.00 21.05 3.82
C ALA B 116 -3.17 22.06 2.66
N LYS B 117 -4.21 21.90 1.85
CA LYS B 117 -4.52 22.83 0.75
C LYS B 117 -5.69 23.80 1.06
N GLY B 118 -5.90 24.11 2.34
CA GLY B 118 -6.80 25.16 2.76
C GLY B 118 -8.26 24.81 2.93
N TYR B 119 -8.65 23.56 2.70
CA TYR B 119 -10.03 23.14 2.92
C TYR B 119 -10.29 23.01 4.42
N THR B 120 -11.51 23.36 4.82
CA THR B 120 -11.96 23.10 6.19
C THR B 120 -12.07 21.60 6.42
N SER B 121 -12.16 21.22 7.69
CA SER B 121 -12.27 19.82 8.09
C SER B 121 -13.42 19.13 7.35
N ALA B 122 -14.60 19.75 7.38
CA ALA B 122 -15.79 19.19 6.69
C ALA B 122 -15.63 19.07 5.15
N GLN B 123 -15.08 20.11 4.53
CA GLN B 123 -14.85 20.12 3.07
C GLN B 123 -13.80 19.11 2.64
N ALA B 124 -12.69 19.05 3.39
CA ALA B 124 -11.65 18.06 3.13
C ALA B 124 -12.20 16.63 3.19
N LYS B 125 -13.10 16.37 4.13
CA LYS B 125 -13.72 15.03 4.23
C LYS B 125 -14.64 14.75 3.06
N ALA B 126 -15.41 15.76 2.67
CA ALA B 126 -16.28 15.71 1.48
C ALA B 126 -15.48 15.48 0.21
N GLU B 127 -14.39 16.23 0.03
CA GLU B 127 -13.54 16.03 -1.14
C GLU B 127 -12.92 14.65 -1.16
N ALA B 128 -12.35 14.23 -0.02
CA ALA B 128 -11.73 12.90 0.11
C ALA B 128 -12.70 11.77 -0.26
N GLU B 129 -13.97 11.89 0.17
CA GLU B 129 -15.05 10.93 -0.14
C GLU B 129 -15.33 10.69 -1.61
N THR B 130 -15.04 11.66 -2.47
CA THR B 130 -15.17 11.44 -3.93
C THR B 130 -14.03 10.58 -4.50
N TRP B 131 -12.99 10.33 -3.71
CA TRP B 131 -11.84 9.49 -4.11
C TRP B 131 -11.73 8.19 -3.30
N VAL B 132 -12.05 8.25 -2.02
CA VAL B 132 -11.91 7.12 -1.13
C VAL B 132 -13.23 6.99 -0.37
N ALA B 133 -13.80 5.80 -0.44
CA ALA B 133 -15.04 5.50 0.23
C ALA B 133 -14.83 5.48 1.73
N VAL B 134 -15.91 5.77 2.42
CA VAL B 134 -15.92 5.77 3.87
C VAL B 134 -15.82 4.31 4.38
N PRO B 135 -15.06 4.08 5.46
CA PRO B 135 -15.02 2.74 6.05
C PRO B 135 -16.41 2.18 6.33
N GLY B 136 -16.59 0.91 5.96
CA GLY B 136 -17.88 0.26 5.99
C GLY B 136 -18.62 0.40 4.69
N THR B 137 -18.11 1.17 3.73
CA THR B 137 -18.78 1.30 2.44
C THR B 137 -17.88 1.10 1.24
N SER B 138 -16.66 0.59 1.41
CA SER B 138 -15.76 0.42 0.26
C SER B 138 -15.96 -0.95 -0.28
N GLU B 139 -15.96 -1.06 -1.60
CA GLU B 139 -15.93 -2.36 -2.26
C GLU B 139 -14.63 -3.13 -1.95
N HIS B 140 -13.56 -2.44 -1.60
CA HIS B 140 -12.32 -3.13 -1.24
C HIS B 140 -12.47 -3.97 0.04
N GLN B 141 -13.42 -3.63 0.90
CA GLN B 141 -13.69 -4.40 2.11
C GLN B 141 -14.50 -5.68 1.84
N LEU B 142 -15.05 -5.82 0.64
CA LEU B 142 -15.70 -7.09 0.24
C LEU B 142 -14.70 -8.11 -0.33
N GLY B 143 -13.50 -7.68 -0.69
CA GLY B 143 -12.58 -8.58 -1.42
C GLY B 143 -12.91 -8.73 -2.89
N LEU B 144 -13.80 -7.85 -3.40
CA LEU B 144 -14.31 -7.90 -4.76
C LEU B 144 -13.80 -6.80 -5.69
N ALA B 145 -13.02 -5.88 -5.17
CA ALA B 145 -12.48 -4.77 -5.95
C ALA B 145 -10.96 -4.81 -5.94
N VAL B 146 -10.37 -4.44 -7.07
CA VAL B 146 -8.94 -4.31 -7.19
C VAL B 146 -8.66 -2.98 -7.84
N ASP B 147 -7.66 -2.30 -7.31
CA ASP B 147 -7.07 -1.19 -7.98
C ASP B 147 -5.92 -1.75 -8.80
N ILE B 148 -6.01 -1.55 -10.11
CA ILE B 148 -5.06 -2.10 -11.04
C ILE B 148 -4.27 -0.96 -11.65
N ASN B 149 -2.93 -1.09 -11.62
CA ASN B 149 -2.01 -0.10 -12.19
C ASN B 149 -1.11 -0.78 -13.22
N ALA B 150 -0.35 0.02 -13.96
CA ALA B 150 0.69 -0.54 -14.85
C ALA B 150 1.87 -0.94 -14.01
N ASP B 151 2.68 -1.89 -14.52
CA ASP B 151 3.90 -2.30 -13.81
C ASP B 151 5.02 -1.24 -13.88
N GLY B 152 4.89 -0.24 -14.75
CA GLY B 152 5.83 0.86 -14.82
C GLY B 152 6.95 0.65 -15.82
N ILE B 153 7.43 -0.58 -15.95
CA ILE B 153 8.54 -0.92 -16.81
C ILE B 153 8.06 -1.24 -18.22
N HIS B 154 7.19 -2.24 -18.33
CA HIS B 154 6.73 -2.76 -19.61
C HIS B 154 5.54 -1.99 -20.15
N SER B 155 4.65 -1.50 -19.29
CA SER B 155 3.49 -0.71 -19.68
C SER B 155 3.39 0.59 -18.90
N THR B 156 2.71 1.56 -19.49
CA THR B 156 2.36 2.82 -18.82
C THR B 156 0.94 2.70 -18.30
N GLY B 157 0.58 3.65 -17.43
CA GLY B 157 -0.73 3.69 -16.81
C GLY B 157 -1.84 3.71 -17.84
N ASN B 158 -1.75 4.67 -18.76
CA ASN B 158 -2.74 4.86 -19.82
C ASN B 158 -2.97 3.60 -20.66
N GLU B 159 -1.92 2.85 -20.97
CA GLU B 159 -2.04 1.62 -21.74
C GLU B 159 -2.88 0.57 -20.98
N VAL B 160 -2.56 0.38 -19.69
CA VAL B 160 -3.32 -0.52 -18.84
C VAL B 160 -4.77 -0.05 -18.69
N TYR B 161 -4.98 1.23 -18.39
CA TYR B 161 -6.35 1.73 -18.19
C TYR B 161 -7.21 1.58 -19.44
N ARG B 162 -6.59 1.78 -20.61
CA ARG B 162 -7.28 1.62 -21.89
C ARG B 162 -7.62 0.17 -22.13
N TRP B 163 -6.64 -0.68 -21.94
CA TRP B 163 -6.87 -2.11 -22.06
C TRP B 163 -8.02 -2.59 -21.19
N LEU B 164 -7.98 -2.25 -19.90
CA LEU B 164 -9.05 -2.64 -18.97
C LEU B 164 -10.43 -2.13 -19.40
N ASP B 165 -10.48 -0.87 -19.80
CA ASP B 165 -11.75 -0.25 -20.24
C ASP B 165 -12.40 -1.08 -21.36
N GLU B 166 -11.57 -1.57 -22.25
CA GLU B 166 -12.02 -2.31 -23.45
C GLU B 166 -12.23 -3.80 -23.23
N ASN B 167 -11.63 -4.36 -22.18
CA ASN B 167 -11.58 -5.81 -21.98
C ASN B 167 -12.06 -6.36 -20.63
N SER B 168 -12.09 -5.54 -19.57
CA SER B 168 -12.34 -6.07 -18.22
C SER B 168 -13.63 -6.88 -18.12
N TYR B 169 -14.69 -6.42 -18.78
CA TYR B 169 -16.02 -7.07 -18.72
C TYR B 169 -16.04 -8.55 -19.15
N ARG B 170 -15.10 -8.92 -20.02
CA ARG B 170 -14.97 -10.30 -20.47
C ARG B 170 -14.63 -11.29 -19.33
N PHE B 171 -14.07 -10.77 -18.24
CA PHE B 171 -13.65 -11.57 -17.11
C PHE B 171 -14.47 -11.21 -15.88
N GLY B 172 -15.54 -10.46 -16.08
CA GLY B 172 -16.50 -10.12 -15.03
C GLY B 172 -16.22 -8.88 -14.19
N PHE B 173 -15.30 -8.03 -14.64
CA PHE B 173 -14.96 -6.82 -13.93
C PHE B 173 -15.49 -5.62 -14.71
N ILE B 174 -16.01 -4.64 -13.95
CA ILE B 174 -16.49 -3.40 -14.50
C ILE B 174 -15.64 -2.23 -13.98
N ARG B 175 -15.45 -1.25 -14.86
CA ARG B 175 -14.87 0.03 -14.46
C ARG B 175 -15.95 0.71 -13.63
N ARG B 176 -15.83 0.59 -12.32
CA ARG B 176 -16.90 0.92 -11.41
C ARG B 176 -17.31 2.40 -11.40
N TYR B 177 -16.30 3.25 -11.53
CA TYR B 177 -16.45 4.70 -11.37
C TYR B 177 -16.00 5.45 -12.64
N PRO B 178 -16.80 5.38 -13.72
CA PRO B 178 -16.46 6.08 -14.96
C PRO B 178 -16.80 7.59 -14.90
N PRO B 179 -16.12 8.42 -15.71
CA PRO B 179 -16.25 9.91 -15.65
C PRO B 179 -17.68 10.46 -15.86
N ASP B 180 -18.47 9.77 -16.68
CA ASP B 180 -19.82 10.22 -17.03
C ASP B 180 -20.92 9.74 -16.06
N LYS B 181 -20.54 9.11 -14.94
CA LYS B 181 -21.50 8.60 -13.95
C LYS B 181 -21.18 9.06 -12.50
N THR B 182 -20.36 10.09 -12.35
CA THR B 182 -19.96 10.61 -11.03
C THR B 182 -21.17 11.18 -10.27
N GLU B 183 -22.12 11.72 -11.03
CA GLU B 183 -23.46 12.09 -10.53
C GLU B 183 -24.16 10.94 -9.78
N ILE B 184 -24.15 9.74 -10.37
CA ILE B 184 -24.90 8.58 -9.82
C ILE B 184 -24.09 7.85 -8.74
N THR B 185 -22.82 7.57 -9.02
CA THR B 185 -21.92 6.84 -8.10
C THR B 185 -21.48 7.69 -6.92
N GLY B 186 -21.43 9.01 -7.13
CA GLY B 186 -20.87 9.93 -6.13
C GLY B 186 -19.37 9.81 -5.97
N VAL B 187 -18.68 9.31 -7.01
CA VAL B 187 -17.23 9.05 -6.96
C VAL B 187 -16.57 9.58 -8.23
N SER B 188 -15.38 10.15 -8.08
CA SER B 188 -14.63 10.72 -9.20
C SER B 188 -14.15 9.65 -10.18
N ASN B 189 -13.61 10.13 -11.30
CA ASN B 189 -13.05 9.26 -12.33
C ASN B 189 -11.83 8.51 -11.77
N GLU B 190 -12.02 7.20 -11.55
CA GLU B 190 -10.97 6.34 -10.99
C GLU B 190 -10.68 5.21 -11.96
N PRO B 191 -9.86 5.48 -13.00
CA PRO B 191 -9.61 4.49 -14.06
C PRO B 191 -8.89 3.19 -13.62
N TRP B 192 -8.38 3.17 -12.39
CA TRP B 192 -7.70 2.02 -11.80
C TRP B 192 -8.68 1.09 -11.05
N HIS B 193 -9.87 1.57 -10.65
CA HIS B 193 -10.74 0.81 -9.74
C HIS B 193 -11.70 -0.10 -10.50
N TYR B 194 -11.51 -1.42 -10.34
CA TYR B 194 -12.30 -2.43 -11.01
C TYR B 194 -13.03 -3.30 -9.99
N ARG B 195 -14.30 -3.61 -10.26
CA ARG B 195 -15.19 -4.32 -9.32
C ARG B 195 -15.64 -5.60 -10.02
N TYR B 196 -15.50 -6.74 -9.35
CA TYR B 196 -16.03 -7.99 -9.90
C TYR B 196 -17.55 -8.05 -9.69
N VAL B 197 -18.29 -8.24 -10.78
CA VAL B 197 -19.71 -8.56 -10.72
C VAL B 197 -20.11 -9.88 -11.38
N GLY B 198 -19.22 -10.49 -12.18
CA GLY B 198 -19.57 -11.66 -12.99
C GLY B 198 -19.59 -11.30 -14.45
N ILE B 199 -19.29 -12.26 -15.31
CA ILE B 199 -19.13 -12.02 -16.74
C ILE B 199 -20.45 -11.61 -17.42
N GLU B 200 -21.54 -12.32 -17.14
CA GLU B 200 -22.82 -12.00 -17.79
C GLU B 200 -23.22 -10.57 -17.42
N ALA B 201 -23.30 -10.29 -16.13
CA ALA B 201 -23.63 -8.94 -15.65
C ALA B 201 -22.70 -7.87 -16.20
N ALA B 202 -21.39 -8.12 -16.15
CA ALA B 202 -20.40 -7.13 -16.61
C ALA B 202 -20.57 -6.80 -18.09
N THR B 203 -20.83 -7.82 -18.88
CA THR B 203 -21.04 -7.72 -20.31
C THR B 203 -22.27 -6.88 -20.63
N LYS B 204 -23.36 -7.13 -19.92
CA LYS B 204 -24.58 -6.33 -20.06
C LYS B 204 -24.35 -4.86 -19.68
N ILE B 205 -23.69 -4.67 -18.53
CA ILE B 205 -23.35 -3.32 -18.02
C ILE B 205 -22.53 -2.56 -19.05
N TYR B 206 -21.49 -3.18 -19.58
CA TYR B 206 -20.64 -2.56 -20.59
C TYR B 206 -21.42 -2.24 -21.87
N HIS B 207 -22.12 -3.22 -22.44
CA HIS B 207 -22.85 -3.03 -23.70
C HIS B 207 -24.03 -2.04 -23.60
N GLN B 208 -24.70 -1.96 -22.45
CA GLN B 208 -25.87 -1.06 -22.26
C GLN B 208 -25.51 0.31 -21.65
N GLY B 209 -24.23 0.55 -21.38
CA GLY B 209 -23.74 1.84 -20.90
C GLY B 209 -24.17 2.21 -19.48
N LEU B 210 -24.26 1.22 -18.60
CA LEU B 210 -24.76 1.43 -17.23
C LEU B 210 -23.61 1.55 -16.21
N CYS B 211 -23.95 2.04 -15.02
CA CYS B 211 -23.12 1.86 -13.82
C CYS B 211 -23.88 0.84 -12.97
N LEU B 212 -23.20 0.23 -12.00
CA LEU B 212 -23.82 -0.87 -11.22
C LEU B 212 -25.14 -0.48 -10.54
N GLU B 213 -25.25 0.77 -10.09
CA GLU B 213 -26.47 1.30 -9.46
C GLU B 213 -27.65 1.23 -10.44
N GLU B 214 -27.45 1.77 -11.63
CA GLU B 214 -28.46 1.70 -12.70
C GLU B 214 -28.88 0.26 -13.00
N TYR B 215 -27.89 -0.63 -13.15
CA TYR B 215 -28.13 -2.05 -13.44
C TYR B 215 -29.01 -2.74 -12.41
N LEU B 216 -28.75 -2.50 -11.13
CA LEU B 216 -29.48 -3.19 -10.05
C LEU B 216 -30.94 -2.74 -9.88
N ASN B 217 -31.28 -1.60 -10.45
CA ASN B 217 -32.64 -1.17 -10.43
C ASN B 217 -33.39 -1.88 -11.54
N THR B 218 -32.96 -1.64 -12.79
CA THR B 218 -33.61 -2.19 -13.97
C THR B 218 -33.66 -3.71 -14.25
N GLU B 219 -32.55 -4.42 -14.14
CA GLU B 219 -32.53 -5.87 -14.36
C GLU B 219 -33.14 -6.82 -13.31
N LYS B 220 -32.87 -6.53 -12.04
CA LYS B 220 -33.30 -7.35 -10.88
C LYS B 220 -34.53 -8.24 -11.10
CU CU C . 10.81 1.52 4.32
N DAL D . 12.34 1.85 0.93
CA DAL D . 13.46 1.10 1.60
CB DAL D . 14.85 1.66 1.20
C DAL D . 13.41 -0.36 1.16
O DAL D . 13.15 -0.59 0.00
OXT DAL D . 13.70 -1.23 1.97
N DAL E . 9.73 2.26 -0.32
CA DAL E . 10.30 3.21 0.66
CB DAL E . 10.89 4.47 -0.01
C DAL E . 11.34 2.54 1.57
O DAL E . 11.23 2.68 2.79
C1 GOL F . -1.87 1.41 13.99
O1 GOL F . -1.35 0.41 14.87
C2 GOL F . -2.02 0.92 12.54
O2 GOL F . -1.09 1.52 11.63
C3 GOL F . -1.89 -0.59 12.37
O3 GOL F . -3.19 -1.09 12.10
O2 PG4 G . 4.85 4.03 -1.34
C3 PG4 G . 5.63 3.02 -0.70
C4 PG4 G . 4.84 2.38 0.44
O3 PG4 G . 5.45 2.71 1.71
C5 PG4 G . 5.05 3.97 2.28
C6 PG4 G . 6.23 4.94 2.20
O4 PG4 G . 5.99 6.05 3.08
C7 PG4 G . 6.43 7.32 2.62
C8 PG4 G . 5.25 8.09 2.05
O5 PG4 G . 5.31 9.46 2.49
CU CU H . -10.30 1.08 -5.55
N DAL I . -10.82 3.89 -3.40
CA DAL I . -12.17 3.36 -3.69
CB DAL I . -13.16 4.45 -4.13
C DAL I . -12.69 2.83 -2.43
O DAL I . -13.52 1.93 -2.53
OXT DAL I . -12.32 3.35 -1.40
N DAL J . -8.64 5.95 -3.82
CA DAL J . -8.49 4.50 -3.65
CB DAL J . -7.16 4.07 -4.28
C DAL J . -9.75 3.79 -4.23
O DAL J . -9.77 3.26 -5.35
C1 GOL K . -0.57 -8.70 -9.05
O1 GOL K . 0.34 -7.61 -8.98
C2 GOL K . 0.08 -9.99 -9.53
O2 GOL K . 1.31 -9.76 -10.25
C3 GOL K . 0.30 -10.88 -8.31
O3 GOL K . 0.89 -10.16 -7.23
O2 PG4 L . -4.22 2.68 -4.01
C3 PG4 L . -4.49 2.14 -5.32
C4 PG4 L . -3.60 2.80 -6.37
O3 PG4 L . -4.35 3.80 -7.09
C5 PG4 L . -3.68 4.26 -8.27
C6 PG4 L . -3.49 5.76 -8.22
O4 PG4 L . -2.62 6.15 -9.29
C7 PG4 L . -1.22 6.11 -8.95
C8 PG4 L . -0.42 5.67 -10.17
O5 PG4 L . 0.93 5.45 -9.78
#